data_6KCS
#
_entry.id   6KCS
#
_cell.length_a   45.363
_cell.length_b   45.363
_cell.length_c   125.827
_cell.angle_alpha   90.00
_cell.angle_beta   90.00
_cell.angle_gamma   120.00
#
_symmetry.space_group_name_H-M   'P 31 2 1'
#
loop_
_entity.id
_entity.type
_entity.pdbx_description
1 polymer 'Helicase-like transcription factor'
2 polymer "DNA (5'-D(*AP*CP*TP*GP*TP*AP*CP*GP*TP*AP*CP*AP*GP*T)-3')"
3 water water
#
loop_
_entity_poly.entity_id
_entity_poly.type
_entity_poly.pdbx_seq_one_letter_code
_entity_poly.pdbx_strand_id
1 'polypeptide(L)'
;GPLGSVLFGSLRGHVVGLRYYTGVVNNNEMVALQRDPNNPYDKNAIKVNNVNGNQVGHLKKELAGALAYIMDNKLAQIEG
VVPFGANNAFTMPLHMTFWGKEENRKAVSDQLKKHGFKLGPA
;
A
2 'polydeoxyribonucleotide' (DA)(DC)(DT)(DG)(DT)(DA)(DC)(DG)(DT)(DA)(DC)(DA)(DG)(DT) B
#
loop_
_chem_comp.id
_chem_comp.type
_chem_comp.name
_chem_comp.formula
DA DNA linking 2'-DEOXYADENOSINE-5'-MONOPHOSPHATE 'C10 H14 N5 O6 P'
DC DNA linking 2'-DEOXYCYTIDINE-5'-MONOPHOSPHATE 'C9 H14 N3 O7 P'
DG DNA linking 2'-DEOXYGUANOSINE-5'-MONOPHOSPHATE 'C10 H14 N5 O7 P'
DT DNA linking THYMIDINE-5'-MONOPHOSPHATE 'C10 H15 N2 O8 P'
#
# COMPACT_ATOMS: atom_id res chain seq x y z
N GLY A 4 14.51 -2.72 16.34
CA GLY A 4 13.25 -3.52 16.45
C GLY A 4 12.93 -4.23 15.14
N SER A 5 12.01 -3.64 14.37
CA SER A 5 11.63 -4.16 13.05
C SER A 5 12.77 -3.99 12.07
N VAL A 6 12.92 -4.95 11.15
CA VAL A 6 13.95 -4.92 10.12
C VAL A 6 13.26 -4.82 8.74
N LEU A 7 14.01 -4.34 7.74
CA LEU A 7 13.52 -4.21 6.39
C LEU A 7 13.37 -5.58 5.74
N PHE A 8 12.29 -5.77 4.97
CA PHE A 8 12.06 -7.02 4.24
C PHE A 8 12.34 -6.80 2.76
N GLY A 9 12.18 -5.57 2.31
CA GLY A 9 12.35 -5.27 0.90
C GLY A 9 11.25 -4.34 0.39
N SER A 10 11.18 -4.26 -0.93
CA SER A 10 10.50 -3.21 -1.64
C SER A 10 9.58 -3.84 -2.69
N LEU A 11 8.60 -3.08 -3.18
CA LEU A 11 7.60 -3.55 -4.15
C LEU A 11 6.88 -2.34 -4.73
N ARG A 12 6.54 -2.35 -6.02
CA ARG A 12 5.66 -1.32 -6.54
C ARG A 12 4.25 -1.82 -6.78
N GLY A 13 3.43 -0.74 -6.76
CA GLY A 13 2.02 -0.81 -7.06
C GLY A 13 1.49 0.57 -7.43
N HIS A 14 0.17 0.71 -7.30
CA HIS A 14 -0.51 1.90 -7.75
C HIS A 14 -1.62 2.29 -6.79
N VAL A 15 -1.78 3.61 -6.66
CA VAL A 15 -2.91 4.25 -6.02
C VAL A 15 -3.90 4.57 -7.14
N VAL A 16 -5.18 4.23 -6.90
CA VAL A 16 -6.21 4.42 -7.91
C VAL A 16 -7.37 5.18 -7.26
N GLY A 17 -8.35 5.58 -8.08
CA GLY A 17 -9.52 6.29 -7.62
C GLY A 17 -9.23 7.73 -7.18
N LEU A 18 -8.16 8.33 -7.73
CA LEU A 18 -7.76 9.69 -7.38
C LEU A 18 -8.91 10.65 -7.68
N ARG A 19 -9.73 10.27 -8.65
CA ARG A 19 -10.80 11.09 -9.18
C ARG A 19 -11.85 11.43 -8.10
N TYR A 20 -11.95 10.59 -7.06
CA TYR A 20 -13.01 10.70 -6.06
C TYR A 20 -12.54 11.38 -4.77
N TYR A 21 -11.25 11.74 -4.66
CA TYR A 21 -10.71 12.30 -3.42
C TYR A 21 -9.96 13.60 -3.72
N THR A 22 -9.66 14.38 -2.67
CA THR A 22 -9.15 15.73 -2.85
C THR A 22 -7.83 15.92 -2.09
N GLY A 23 -7.32 14.84 -1.48
CA GLY A 23 -6.09 14.90 -0.72
C GLY A 23 -4.88 15.10 -1.64
N VAL A 24 -4.16 16.21 -1.44
CA VAL A 24 -3.07 16.58 -2.31
C VAL A 24 -1.82 15.76 -1.96
N VAL A 25 -1.12 15.30 -3.00
CA VAL A 25 0.16 14.63 -2.85
C VAL A 25 1.19 15.39 -3.69
N ASN A 26 2.43 15.45 -3.18
CA ASN A 26 3.56 15.97 -3.96
C ASN A 26 4.50 14.80 -4.26
N ASN A 27 5.23 14.92 -5.38
CA ASN A 27 6.22 13.93 -5.77
C ASN A 27 7.26 13.77 -4.65
N ASN A 28 7.63 12.52 -4.39
CA ASN A 28 8.65 12.13 -3.42
C ASN A 28 8.10 12.21 -2.00
N GLU A 29 6.78 12.29 -1.87
CA GLU A 29 6.14 12.42 -0.57
C GLU A 29 5.67 11.05 -0.12
N MET A 30 5.73 10.81 1.19
CA MET A 30 5.21 9.59 1.76
C MET A 30 3.69 9.66 1.81
N VAL A 31 3.07 8.48 1.82
CA VAL A 31 1.64 8.33 1.98
C VAL A 31 1.41 7.21 2.99
N ALA A 32 0.27 7.27 3.68
CA ALA A 32 -0.06 6.26 4.66
C ALA A 32 -1.08 5.29 4.09
N LEU A 33 -0.86 4.00 4.36
CA LEU A 33 -1.82 2.96 3.99
C LEU A 33 -2.67 2.63 5.21
N GLN A 34 -4.00 2.63 5.04
CA GLN A 34 -4.87 2.22 6.13
C GLN A 34 -5.99 1.30 5.62
N ARG A 35 -6.13 0.17 6.32
CA ARG A 35 -7.13 -0.83 5.96
C ARG A 35 -8.52 -0.23 6.08
N ASP A 36 -9.37 -0.64 5.16
CA ASP A 36 -10.74 -0.16 5.03
C ASP A 36 -11.63 -1.41 5.08
N PRO A 37 -11.68 -2.12 6.23
CA PRO A 37 -12.26 -3.47 6.26
C PRO A 37 -13.77 -3.53 6.01
N ASN A 38 -14.48 -2.41 6.27
CA ASN A 38 -15.93 -2.37 6.16
C ASN A 38 -16.35 -1.85 4.79
N ASN A 39 -15.41 -1.84 3.84
CA ASN A 39 -15.68 -1.35 2.50
C ASN A 39 -16.58 -2.37 1.80
N PRO A 40 -17.79 -1.96 1.37
CA PRO A 40 -18.74 -2.87 0.73
C PRO A 40 -18.32 -3.31 -0.67
N TYR A 41 -17.33 -2.62 -1.25
CA TYR A 41 -16.90 -2.91 -2.61
C TYR A 41 -15.76 -3.93 -2.60
N ASP A 42 -14.97 -3.91 -1.52
CA ASP A 42 -13.84 -4.80 -1.35
C ASP A 42 -13.52 -4.89 0.14
N LYS A 43 -13.60 -6.12 0.68
CA LYS A 43 -13.34 -6.36 2.09
C LYS A 43 -11.86 -6.13 2.40
N ASN A 44 -11.01 -6.29 1.39
CA ASN A 44 -9.57 -6.20 1.51
C ASN A 44 -9.09 -4.77 1.27
N ALA A 45 -10.02 -3.83 1.14
CA ALA A 45 -9.72 -2.45 0.76
C ALA A 45 -8.65 -1.84 1.66
N ILE A 46 -7.75 -1.07 1.04
CA ILE A 46 -6.72 -0.32 1.73
C ILE A 46 -6.70 1.11 1.19
N LYS A 47 -7.04 2.08 2.05
CA LYS A 47 -7.05 3.49 1.67
C LYS A 47 -5.62 4.02 1.61
N VAL A 48 -5.43 5.12 0.87
CA VAL A 48 -4.13 5.80 0.84
C VAL A 48 -4.35 7.25 1.23
N ASN A 49 -3.70 7.68 2.32
CA ASN A 49 -3.82 9.05 2.80
C ASN A 49 -2.50 9.77 2.60
N ASN A 50 -2.58 11.10 2.46
CA ASN A 50 -1.40 11.94 2.38
C ASN A 50 -0.82 12.13 3.78
N VAL A 51 0.25 12.93 3.90
CA VAL A 51 0.98 13.10 5.14
C VAL A 51 0.14 13.85 6.17
N ASN A 52 -0.96 14.47 5.72
CA ASN A 52 -1.82 15.25 6.60
C ASN A 52 -3.06 14.45 6.98
N GLY A 53 -3.17 13.23 6.44
CA GLY A 53 -4.26 12.33 6.78
C GLY A 53 -5.45 12.43 5.81
N ASN A 54 -5.30 13.24 4.76
CA ASN A 54 -6.36 13.41 3.76
C ASN A 54 -6.27 12.28 2.72
N GLN A 55 -7.41 11.63 2.47
CA GLN A 55 -7.45 10.49 1.57
C GLN A 55 -7.10 10.92 0.15
N VAL A 56 -6.26 10.10 -0.50
CA VAL A 56 -5.80 10.31 -1.86
C VAL A 56 -6.53 9.33 -2.78
N GLY A 57 -6.74 8.11 -2.28
CA GLY A 57 -7.34 7.05 -3.07
C GLY A 57 -7.25 5.71 -2.34
N HIS A 58 -7.11 4.64 -3.13
CA HIS A 58 -7.06 3.28 -2.64
C HIS A 58 -5.91 2.56 -3.35
N LEU A 59 -5.37 1.52 -2.70
CA LEU A 59 -4.50 0.59 -3.42
C LEU A 59 -5.34 -0.12 -4.47
N LYS A 60 -4.72 -0.39 -5.63
CA LYS A 60 -5.34 -1.16 -6.68
C LYS A 60 -5.86 -2.48 -6.12
N LYS A 61 -7.05 -2.90 -6.58
CA LYS A 61 -7.81 -4.02 -6.04
C LYS A 61 -6.90 -5.24 -5.82
N GLU A 62 -6.11 -5.60 -6.86
CA GLU A 62 -5.31 -6.81 -6.88
C GLU A 62 -4.24 -6.75 -5.78
N LEU A 63 -3.62 -5.58 -5.65
CA LEU A 63 -2.56 -5.35 -4.67
C LEU A 63 -3.11 -5.44 -3.25
N ALA A 64 -4.31 -4.87 -3.03
CA ALA A 64 -4.94 -4.93 -1.72
C ALA A 64 -5.33 -6.36 -1.37
N GLY A 65 -5.70 -7.15 -2.40
CA GLY A 65 -5.93 -8.57 -2.24
C GLY A 65 -4.74 -9.29 -1.61
N ALA A 66 -3.53 -8.85 -1.98
CA ALA A 66 -2.29 -9.41 -1.45
C ALA A 66 -2.02 -8.91 -0.02
N LEU A 67 -2.23 -7.61 0.20
CA LEU A 67 -1.65 -6.92 1.35
C LEU A 67 -2.57 -7.01 2.57
N ALA A 68 -3.88 -7.16 2.36
CA ALA A 68 -4.84 -7.14 3.46
C ALA A 68 -4.44 -8.12 4.56
N TYR A 69 -4.08 -9.35 4.16
CA TYR A 69 -3.71 -10.42 5.07
C TYR A 69 -2.47 -10.00 5.86
N ILE A 70 -1.54 -9.32 5.20
CA ILE A 70 -0.29 -8.92 5.81
C ILE A 70 -0.58 -7.89 6.90
N MET A 71 -1.43 -6.91 6.57
CA MET A 71 -1.74 -5.83 7.48
C MET A 71 -2.59 -6.35 8.64
N ASP A 72 -3.63 -7.12 8.33
CA ASP A 72 -4.56 -7.64 9.33
C ASP A 72 -3.86 -8.53 10.35
N ASN A 73 -2.78 -9.22 9.94
CA ASN A 73 -2.11 -10.17 10.81
C ASN A 73 -0.82 -9.56 11.38
N LYS A 74 -0.63 -8.25 11.16
CA LYS A 74 0.51 -7.50 11.68
C LYS A 74 1.82 -8.19 11.30
N LEU A 75 1.87 -8.74 10.09
CA LEU A 75 3.05 -9.46 9.62
C LEU A 75 4.12 -8.49 9.16
N ALA A 76 3.69 -7.32 8.68
CA ALA A 76 4.60 -6.26 8.28
C ALA A 76 3.93 -4.90 8.42
N GLN A 77 4.74 -3.86 8.63
CA GLN A 77 4.34 -2.48 8.42
C GLN A 77 4.74 -2.11 7.01
N ILE A 78 3.83 -1.46 6.27
CA ILE A 78 4.10 -1.12 4.88
C ILE A 78 4.22 0.40 4.77
N GLU A 79 5.40 0.86 4.36
CA GLU A 79 5.63 2.26 4.06
C GLU A 79 5.35 2.49 2.58
N GLY A 80 4.87 3.68 2.24
CA GLY A 80 4.60 4.03 0.85
C GLY A 80 5.15 5.41 0.50
N VAL A 81 5.78 5.50 -0.68
CA VAL A 81 6.27 6.75 -1.23
C VAL A 81 5.75 6.86 -2.66
N VAL A 82 5.30 8.06 -3.07
CA VAL A 82 4.88 8.31 -4.44
C VAL A 82 6.06 8.92 -5.19
N PRO A 83 6.69 8.15 -6.12
CA PRO A 83 7.94 8.60 -6.78
C PRO A 83 7.75 9.70 -7.81
N PHE A 84 6.62 9.69 -8.51
CA PHE A 84 6.27 10.69 -9.52
C PHE A 84 4.77 10.63 -9.81
N GLY A 85 4.28 11.57 -10.63
CA GLY A 85 2.91 11.52 -11.13
C GLY A 85 1.89 11.88 -10.05
N ALA A 86 2.29 12.76 -9.13
CA ALA A 86 1.43 13.25 -8.06
C ALA A 86 0.27 14.06 -8.65
N ASN A 87 0.40 14.46 -9.92
CA ASN A 87 -0.58 15.30 -10.57
C ASN A 87 -1.35 14.52 -11.64
N ASN A 88 -1.33 13.18 -11.54
CA ASN A 88 -2.07 12.33 -12.47
C ASN A 88 -3.56 12.53 -12.26
N ALA A 89 -4.38 12.00 -13.19
CA ALA A 89 -5.81 12.18 -13.13
C ALA A 89 -6.47 11.04 -12.35
N PHE A 90 -5.99 9.80 -12.56
CA PHE A 90 -6.75 8.63 -12.16
C PHE A 90 -5.93 7.72 -11.26
N THR A 91 -4.62 7.66 -11.51
CA THR A 91 -3.75 6.69 -10.86
C THR A 91 -2.39 7.34 -10.61
N MET A 92 -1.69 6.88 -9.57
CA MET A 92 -0.32 7.27 -9.38
C MET A 92 0.50 6.10 -8.86
N PRO A 93 1.80 6.03 -9.21
CA PRO A 93 2.66 4.91 -8.82
C PRO A 93 2.98 4.98 -7.33
N LEU A 94 3.26 3.81 -6.74
CA LEU A 94 3.55 3.71 -5.32
C LEU A 94 4.73 2.76 -5.10
N HIS A 95 5.81 3.31 -4.57
CA HIS A 95 6.95 2.54 -4.10
C HIS A 95 6.71 2.14 -2.64
N MET A 96 6.64 0.84 -2.39
CA MET A 96 6.33 0.35 -1.05
C MET A 96 7.55 -0.35 -0.47
N THR A 97 7.70 -0.26 0.87
CA THR A 97 8.73 -1.00 1.60
C THR A 97 8.07 -1.69 2.79
N PHE A 98 8.46 -2.95 3.02
CA PHE A 98 7.90 -3.77 4.08
C PHE A 98 8.91 -3.94 5.21
N TRP A 99 8.47 -3.65 6.44
CA TRP A 99 9.31 -3.78 7.63
C TRP A 99 8.63 -4.70 8.63
N GLY A 100 9.42 -5.45 9.40
CA GLY A 100 8.87 -6.30 10.45
C GLY A 100 9.94 -7.16 11.11
N LYS A 101 9.48 -8.12 11.93
CA LYS A 101 10.35 -9.09 12.58
C LYS A 101 10.91 -10.04 11.53
N GLU A 102 12.18 -10.42 11.67
CA GLU A 102 12.86 -11.31 10.74
C GLU A 102 12.01 -12.55 10.45
N GLU A 103 11.41 -13.11 11.51
CA GLU A 103 10.74 -14.41 11.47
C GLU A 103 9.46 -14.36 10.65
N ASN A 104 9.08 -13.18 10.16
CA ASN A 104 7.80 -13.02 9.47
C ASN A 104 8.02 -12.86 7.97
N ARG A 105 9.28 -12.74 7.54
CA ARG A 105 9.60 -12.39 6.16
C ARG A 105 9.05 -13.44 5.19
N LYS A 106 9.26 -14.73 5.52
CA LYS A 106 8.84 -15.84 4.67
C LYS A 106 7.34 -15.75 4.41
N ALA A 107 6.57 -15.56 5.49
CA ALA A 107 5.12 -15.51 5.45
C ALA A 107 4.65 -14.34 4.58
N VAL A 108 5.38 -13.22 4.64
CA VAL A 108 5.06 -12.03 3.85
C VAL A 108 5.40 -12.32 2.38
N SER A 109 6.60 -12.87 2.16
CA SER A 109 7.10 -13.20 0.83
C SER A 109 6.13 -14.14 0.10
N ASP A 110 5.60 -15.13 0.82
CA ASP A 110 4.74 -16.15 0.25
C ASP A 110 3.35 -15.58 -0.05
N GLN A 111 2.85 -14.71 0.83
CA GLN A 111 1.54 -14.09 0.69
C GLN A 111 1.51 -13.21 -0.55
N LEU A 112 2.66 -12.62 -0.89
CA LEU A 112 2.80 -11.78 -2.07
C LEU A 112 2.88 -12.66 -3.32
N LYS A 113 3.63 -13.76 -3.24
CA LYS A 113 3.80 -14.70 -4.35
C LYS A 113 2.44 -15.29 -4.72
N LYS A 114 1.63 -15.61 -3.70
CA LYS A 114 0.33 -16.23 -3.85
C LYS A 114 -0.60 -15.34 -4.68
N HIS A 115 -0.25 -14.05 -4.79
CA HIS A 115 -1.07 -13.08 -5.51
C HIS A 115 -0.33 -12.52 -6.72
N GLY A 116 0.91 -12.99 -6.94
CA GLY A 116 1.65 -12.65 -8.15
C GLY A 116 2.54 -11.42 -7.99
N PHE A 117 2.88 -11.10 -6.73
CA PHE A 117 3.81 -10.02 -6.42
C PHE A 117 5.09 -10.60 -5.84
N LYS A 118 6.20 -9.86 -5.98
CA LYS A 118 7.50 -10.30 -5.48
C LYS A 118 8.27 -9.11 -4.90
N LEU A 119 8.87 -9.33 -3.72
CA LEU A 119 9.70 -8.33 -3.05
C LEU A 119 10.97 -8.07 -3.87
N GLY A 120 11.06 -6.88 -4.45
CA GLY A 120 12.19 -6.49 -5.29
C GLY A 120 13.41 -6.12 -4.47
#